data_3QUI
#
_entry.id   3QUI
#
_cell.length_a   61.083
_cell.length_b   75.862
_cell.length_c   93.437
_cell.angle_alpha   90.00
_cell.angle_beta   90.00
_cell.angle_gamma   90.00
#
_symmetry.space_group_name_H-M   'P 21 21 21'
#
loop_
_entity.id
_entity.type
_entity.pdbx_description
1 polymer 'Protein hfq'
2 non-polymer "ADENOSINE-5'-DIPHOSPHATE"
3 non-polymer 'PHOSPHOAMINOPHOSPHONIC ACID-ADENYLATE ESTER'
4 non-polymer DI(HYDROXYETHYL)ETHER
5 non-polymer ADENINE
6 water water
#
_entity_poly.entity_id   1
_entity_poly.type   'polypeptide(L)'
_entity_poly.pdbx_seq_one_letter_code
;MSKGHSLQDPYLNTLRKERVPVSIYLVNGIKLQGQIESFDQFVILLKNTVSQMVYKHAISTVVPSRPVRLPSGDQPAEPG
NA
;
_entity_poly.pdbx_strand_id   A,B,C,D,E,F
#
# COMPACT_ATOMS: atom_id res chain seq x y z
N SER A 2 -17.32 -8.46 14.41
CA SER A 2 -16.05 -8.63 13.71
C SER A 2 -16.15 -8.14 12.30
N LYS A 3 -17.16 -7.34 12.04
CA LYS A 3 -17.45 -6.86 10.70
C LYS A 3 -17.49 -5.34 10.58
N GLY A 4 -17.58 -4.84 9.37
CA GLY A 4 -17.65 -3.40 9.14
C GLY A 4 -16.57 -2.59 9.84
N HIS A 5 -16.94 -1.41 10.33
CA HIS A 5 -16.06 -0.58 11.16
C HIS A 5 -16.48 -0.75 12.61
N SER A 6 -17.19 -1.84 12.87
CA SER A 6 -17.83 -2.05 14.17
C SER A 6 -16.81 -2.06 15.30
N LEU A 7 -15.54 -1.89 14.95
CA LEU A 7 -14.48 -1.88 15.95
C LEU A 7 -13.68 -0.60 15.93
N GLN A 8 -13.23 -0.21 14.75
CA GLN A 8 -12.32 0.93 14.62
C GLN A 8 -12.95 2.24 15.08
N ASP A 9 -14.19 2.48 14.71
CA ASP A 9 -14.80 3.78 15.00
C ASP A 9 -15.09 4.02 16.48
N PRO A 10 -15.82 3.10 17.10
CA PRO A 10 -16.00 3.28 18.55
C PRO A 10 -14.63 3.48 19.21
N TYR A 11 -13.63 2.72 18.77
CA TYR A 11 -12.33 2.77 19.44
C TYR A 11 -11.73 4.16 19.34
N LEU A 12 -11.57 4.66 18.12
CA LEU A 12 -11.03 6.01 17.95
C LEU A 12 -11.88 7.05 18.69
N ASN A 13 -13.20 6.86 18.68
CA ASN A 13 -14.07 7.85 19.30
C ASN A 13 -13.86 7.95 20.80
N THR A 14 -13.60 6.81 21.44
CA THR A 14 -13.35 6.75 22.88
C THR A 14 -12.02 7.43 23.22
N LEU A 15 -11.02 7.18 22.38
CA LEU A 15 -9.74 7.86 22.51
C LEU A 15 -9.92 9.37 22.41
N ARG A 16 -10.76 9.79 21.49
CA ARG A 16 -11.04 11.22 21.26
C ARG A 16 -11.85 11.81 22.42
N LYS A 17 -12.98 11.18 22.73
CA LYS A 17 -13.88 11.64 23.81
C LYS A 17 -13.18 11.77 25.15
N GLU A 18 -12.29 10.85 25.46
CA GLU A 18 -11.63 10.87 26.76
C GLU A 18 -10.25 11.49 26.71
N ARG A 19 -9.85 11.95 25.52
CA ARG A 19 -8.62 12.73 25.43
C ARG A 19 -7.45 11.91 25.97
N VAL A 20 -7.45 10.61 25.66
CA VAL A 20 -6.37 9.73 26.05
C VAL A 20 -5.16 9.97 25.15
N PRO A 21 -3.98 10.18 25.76
CA PRO A 21 -2.71 10.29 25.03
C PRO A 21 -2.36 8.98 24.33
N VAL A 22 -2.07 9.04 23.04
CA VAL A 22 -1.74 7.82 22.30
C VAL A 22 -0.38 7.92 21.63
N SER A 23 0.17 6.76 21.25
CA SER A 23 1.27 6.72 20.29
C SER A 23 0.69 6.17 19.00
N ILE A 24 1.04 6.79 17.88
CA ILE A 24 0.68 6.26 16.58
C ILE A 24 1.95 5.87 15.85
N TYR A 25 2.10 4.60 15.55
CA TYR A 25 3.28 4.11 14.85
C TYR A 25 2.99 4.04 13.37
N LEU A 26 3.84 4.69 12.58
CA LEU A 26 3.65 4.72 11.14
C LEU A 26 4.30 3.49 10.51
N VAL A 27 3.91 3.16 9.27
CA VAL A 27 4.47 1.96 8.61
C VAL A 27 5.98 2.01 8.45
N ASN A 28 6.57 3.19 8.49
CA ASN A 28 8.03 3.26 8.38
C ASN A 28 8.71 3.21 9.75
N GLY A 29 7.92 2.93 10.78
CA GLY A 29 8.48 2.75 12.11
C GLY A 29 8.61 4.04 12.90
N ILE A 30 8.25 5.16 12.28
CA ILE A 30 8.26 6.44 12.98
C ILE A 30 7.11 6.45 14.00
N LYS A 31 7.35 7.07 15.15
CA LYS A 31 6.32 7.12 16.20
C LYS A 31 5.83 8.54 16.45
N LEU A 32 4.52 8.73 16.35
CA LEU A 32 3.93 10.03 16.64
C LEU A 32 3.18 9.92 17.97
N GLN A 33 3.11 11.02 18.70
CA GLN A 33 2.43 11.02 20.00
C GLN A 33 1.54 12.25 20.14
N GLY A 34 0.40 12.09 20.82
CA GLY A 34 -0.53 13.19 20.99
C GLY A 34 -1.91 12.71 21.38
N GLN A 35 -2.93 13.47 21.01
CA GLN A 35 -4.29 13.10 21.31
C GLN A 35 -5.12 13.18 20.04
N ILE A 36 -6.03 12.23 19.89
CA ILE A 36 -6.91 12.21 18.73
C ILE A 36 -7.89 13.37 18.82
N GLU A 37 -7.78 14.33 17.91
CA GLU A 37 -8.73 15.45 17.90
C GLU A 37 -10.00 15.11 17.13
N SER A 38 -9.83 14.52 15.96
CA SER A 38 -10.97 13.98 15.21
C SER A 38 -10.43 13.00 14.20
N PHE A 39 -11.31 12.50 13.34
CA PHE A 39 -10.93 11.51 12.35
C PHE A 39 -12.11 11.28 11.42
N ASP A 40 -11.81 10.71 10.25
CA ASP A 40 -12.87 10.26 9.36
C ASP A 40 -12.52 8.89 8.76
N GLN A 41 -13.19 8.53 7.67
CA GLN A 41 -12.94 7.23 7.06
C GLN A 41 -11.48 7.00 6.63
N PHE A 42 -10.73 8.06 6.31
CA PHE A 42 -9.36 7.89 5.82
C PHE A 42 -8.24 8.53 6.63
N VAL A 43 -8.56 9.56 7.42
CA VAL A 43 -7.52 10.25 8.18
C VAL A 43 -7.82 10.35 9.68
N ILE A 44 -6.76 10.61 10.43
CA ILE A 44 -6.87 10.90 11.85
C ILE A 44 -6.16 12.21 12.11
N LEU A 45 -6.82 13.10 12.85
CA LEU A 45 -6.23 14.39 13.20
C LEU A 45 -5.64 14.31 14.60
N LEU A 46 -4.32 14.41 14.69
CA LEU A 46 -3.58 14.22 15.95
C LEU A 46 -3.04 15.57 16.48
N LYS A 47 -3.29 15.89 17.76
CA LYS A 47 -2.88 17.19 18.33
C LYS A 47 -1.52 17.19 19.04
N ASN A 48 -0.86 18.36 19.01
CA ASN A 48 0.39 18.68 19.73
C ASN A 48 0.86 20.11 19.37
N THR A 49 2.06 20.26 18.78
CA THR A 49 2.51 21.60 18.36
C THR A 49 1.47 22.20 17.43
N VAL A 50 1.02 21.39 16.48
CA VAL A 50 -0.16 21.71 15.67
C VAL A 50 -0.98 20.45 15.55
N SER A 51 -2.22 20.59 15.09
CA SER A 51 -3.02 19.41 14.77
C SER A 51 -2.70 18.92 13.35
N GLN A 52 -1.92 17.84 13.25
CA GLN A 52 -1.53 17.32 11.92
C GLN A 52 -2.51 16.26 11.44
N MET A 53 -2.60 16.07 10.13
CA MET A 53 -3.50 15.06 9.57
C MET A 53 -2.70 13.83 9.15
N VAL A 54 -2.90 12.73 9.87
CA VAL A 54 -2.20 11.48 9.60
C VAL A 54 -3.12 10.62 8.73
N TYR A 55 -2.61 10.13 7.59
CA TYR A 55 -3.38 9.20 6.78
C TYR A 55 -3.40 7.81 7.38
N LYS A 56 -4.57 7.19 7.46
CA LYS A 56 -4.66 5.84 8.08
C LYS A 56 -3.82 4.81 7.32
N HIS A 57 -3.74 4.97 6.01
CA HIS A 57 -2.98 4.04 5.18
C HIS A 57 -1.49 4.01 5.53
N ALA A 58 -1.01 5.03 6.23
CA ALA A 58 0.40 5.05 6.66
C ALA A 58 0.59 4.63 8.12
N ILE A 59 -0.51 4.37 8.82
CA ILE A 59 -0.45 3.94 10.23
C ILE A 59 -0.37 2.44 10.33
N SER A 60 0.49 1.93 11.20
CA SER A 60 0.48 0.50 11.50
C SER A 60 -0.29 0.21 12.79
N THR A 61 0.05 0.91 13.87
CA THR A 61 -0.69 0.72 15.14
C THR A 61 -1.01 2.02 15.87
N VAL A 62 -1.99 1.94 16.76
CA VAL A 62 -2.35 3.03 17.63
C VAL A 62 -2.37 2.46 19.04
N VAL A 63 -1.48 2.96 19.90
CA VAL A 63 -1.27 2.40 21.23
C VAL A 63 -1.58 3.40 22.34
N PRO A 64 -2.76 3.27 22.97
CA PRO A 64 -3.18 4.20 24.02
C PRO A 64 -2.22 4.14 25.20
N SER A 65 -2.00 5.26 25.88
CA SER A 65 -1.09 5.30 27.03
C SER A 65 -1.70 4.61 28.27
N ARG A 66 -2.96 4.19 28.17
CA ARG A 66 -3.63 3.46 29.26
C ARG A 66 -4.73 2.59 28.69
N PRO A 67 -5.06 1.49 29.38
CA PRO A 67 -6.18 0.66 28.91
C PRO A 67 -7.40 1.54 28.72
N VAL A 68 -8.33 1.13 27.88
CA VAL A 68 -9.52 1.94 27.60
C VAL A 68 -10.70 1.02 27.31
N ARG A 69 -11.91 1.55 27.45
CA ARG A 69 -13.09 0.79 27.08
C ARG A 69 -12.96 0.34 25.62
N LEU A 70 -13.21 -0.94 25.37
CA LEU A 70 -13.22 -1.43 24.00
C LEU A 70 -14.65 -1.49 23.45
N PRO A 71 -14.78 -1.50 22.12
CA PRO A 71 -16.10 -1.48 21.48
C PRO A 71 -16.95 -2.72 21.74
N SER A 72 -18.26 -2.52 21.86
CA SER A 72 -19.23 -3.62 21.91
C SER A 72 -19.99 -3.75 20.59
N GLY B 4 -15.56 10.06 6.11
CA GLY B 4 -15.50 9.89 4.67
C GLY B 4 -14.47 10.81 4.02
N HIS B 5 -14.90 12.03 3.73
CA HIS B 5 -13.99 13.11 3.39
C HIS B 5 -14.44 14.30 4.24
N SER B 6 -15.37 14.03 5.15
CA SER B 6 -15.97 15.06 5.99
C SER B 6 -14.93 15.80 6.82
N LEU B 7 -13.70 15.28 6.83
CA LEU B 7 -12.60 15.94 7.55
C LEU B 7 -11.42 16.23 6.64
N GLN B 8 -10.97 15.23 5.87
CA GLN B 8 -9.81 15.43 5.02
C GLN B 8 -10.02 16.60 4.05
N ASP B 9 -11.19 16.64 3.42
CA ASP B 9 -11.46 17.64 2.39
C ASP B 9 -11.57 19.08 2.92
N PRO B 10 -12.38 19.30 3.97
CA PRO B 10 -12.42 20.67 4.52
C PRO B 10 -11.05 21.09 5.07
N TYR B 11 -10.31 20.14 5.62
CA TYR B 11 -8.96 20.43 6.13
C TYR B 11 -8.04 20.86 4.99
N LEU B 12 -8.04 20.10 3.90
CA LEU B 12 -7.15 20.45 2.80
C LEU B 12 -7.61 21.73 2.12
N ASN B 13 -8.92 21.91 2.00
CA ASN B 13 -9.42 23.10 1.33
C ASN B 13 -9.13 24.37 2.12
N THR B 14 -9.16 24.25 3.44
CA THR B 14 -8.85 25.38 4.32
C THR B 14 -7.39 25.78 4.19
N LEU B 15 -6.52 24.78 4.12
CA LEU B 15 -5.11 25.02 3.90
C LEU B 15 -4.92 25.75 2.58
N ARG B 16 -5.64 25.30 1.56
CA ARG B 16 -5.50 25.89 0.23
C ARG B 16 -6.00 27.32 0.20
N LYS B 17 -7.25 27.53 0.60
CA LYS B 17 -7.84 28.86 0.53
C LYS B 17 -7.04 29.87 1.33
N GLU B 18 -6.47 29.42 2.45
CA GLU B 18 -5.78 30.35 3.34
C GLU B 18 -4.28 30.37 3.13
N ARG B 19 -3.83 29.69 2.07
CA ARG B 19 -2.42 29.67 1.69
C ARG B 19 -1.53 29.27 2.86
N VAL B 20 -1.93 28.24 3.61
CA VAL B 20 -1.14 27.83 4.75
C VAL B 20 0.04 26.96 4.31
N PRO B 21 1.27 27.34 4.69
CA PRO B 21 2.43 26.50 4.42
C PRO B 21 2.31 25.15 5.16
N VAL B 22 2.57 24.05 4.45
CA VAL B 22 2.54 22.72 5.05
C VAL B 22 3.85 22.00 4.83
N SER B 23 4.17 21.06 5.72
CA SER B 23 5.22 20.07 5.46
C SER B 23 4.53 18.75 5.21
N ILE B 24 4.79 18.12 4.07
CA ILE B 24 4.22 16.83 3.76
C ILE B 24 5.29 15.75 3.86
N TYR B 25 5.08 14.83 4.80
CA TYR B 25 6.01 13.73 5.04
C TYR B 25 5.53 12.52 4.26
N LEU B 26 6.45 11.97 3.46
CA LEU B 26 6.14 10.80 2.64
C LEU B 26 6.46 9.52 3.41
N VAL B 27 5.90 8.40 2.95
CA VAL B 27 6.06 7.15 3.68
C VAL B 27 7.52 6.71 3.79
N ASN B 28 8.37 7.17 2.88
CA ASN B 28 9.80 6.85 2.98
C ASN B 28 10.59 7.84 3.83
N GLY B 29 9.87 8.68 4.56
CA GLY B 29 10.49 9.59 5.51
C GLY B 29 10.99 10.91 4.95
N ILE B 30 10.90 11.10 3.63
CA ILE B 30 11.31 12.35 3.00
C ILE B 30 10.27 13.44 3.24
N LYS B 31 10.74 14.65 3.58
CA LYS B 31 9.83 15.76 3.86
C LYS B 31 9.77 16.80 2.74
N LEU B 32 8.55 17.08 2.26
CA LEU B 32 8.31 18.15 1.29
C LEU B 32 7.64 19.37 1.97
N GLN B 33 7.88 20.56 1.42
CA GLN B 33 7.32 21.80 1.99
C GLN B 33 6.78 22.70 0.89
N GLY B 34 5.82 23.55 1.22
CA GLY B 34 5.19 24.40 0.22
C GLY B 34 3.74 24.68 0.58
N GLN B 35 3.01 25.25 -0.37
CA GLN B 35 1.60 25.59 -0.18
C GLN B 35 0.78 24.64 -1.01
N ILE B 36 -0.40 24.29 -0.54
CA ILE B 36 -1.31 23.45 -1.33
C ILE B 36 -2.03 24.26 -2.40
N GLU B 37 -1.62 24.10 -3.66
CA GLU B 37 -2.24 24.83 -4.76
C GLU B 37 -3.59 24.23 -5.12
N SER B 38 -3.68 22.90 -5.05
CA SER B 38 -4.87 22.19 -5.50
C SER B 38 -4.80 20.74 -5.02
N PHE B 39 -5.94 20.05 -5.07
CA PHE B 39 -5.96 18.64 -4.72
C PHE B 39 -7.21 17.98 -5.26
N ASP B 40 -7.12 16.68 -5.57
CA ASP B 40 -8.33 15.89 -5.80
C ASP B 40 -8.41 14.69 -4.87
N GLN B 41 -9.27 13.73 -5.20
CA GLN B 41 -9.43 12.56 -4.36
C GLN B 41 -8.13 11.78 -4.19
N PHE B 42 -7.18 11.93 -5.12
CA PHE B 42 -5.98 11.08 -5.15
C PHE B 42 -4.63 11.78 -5.01
N VAL B 43 -4.51 13.03 -5.47
CA VAL B 43 -3.22 13.71 -5.46
C VAL B 43 -3.32 15.11 -4.85
N ILE B 44 -2.18 15.66 -4.44
CA ILE B 44 -2.14 17.04 -3.97
C ILE B 44 -1.11 17.75 -4.82
N LEU B 45 -1.43 18.96 -5.29
CA LEU B 45 -0.43 19.75 -5.99
C LEU B 45 0.25 20.73 -5.04
N LEU B 46 1.53 20.50 -4.79
CA LEU B 46 2.27 21.34 -3.86
C LEU B 46 3.08 22.35 -4.66
N LYS B 47 3.17 23.58 -4.15
CA LYS B 47 3.88 24.62 -4.87
C LYS B 47 4.85 25.43 -4.02
N ASN B 48 6.01 25.71 -4.60
CA ASN B 48 6.88 26.85 -4.27
C ASN B 48 8.30 26.70 -4.85
N THR B 49 9.31 26.54 -3.99
CA THR B 49 10.69 26.39 -4.45
C THR B 49 10.73 25.37 -5.59
N VAL B 50 9.76 24.45 -5.56
CA VAL B 50 9.50 23.54 -6.66
C VAL B 50 8.03 23.08 -6.67
N SER B 51 7.37 23.24 -7.81
CA SER B 51 5.98 22.81 -8.00
C SER B 51 5.93 21.32 -8.38
N GLN B 52 5.09 20.54 -7.70
CA GLN B 52 5.09 19.08 -7.88
C GLN B 52 3.78 18.40 -7.47
N MET B 53 3.41 17.34 -8.18
CA MET B 53 2.18 16.59 -7.87
C MET B 53 2.48 15.39 -6.96
N VAL B 54 1.81 15.33 -5.82
CA VAL B 54 2.07 14.32 -4.81
C VAL B 54 0.90 13.34 -4.71
N TYR B 55 1.18 12.05 -4.85
CA TYR B 55 0.19 11.02 -4.64
C TYR B 55 -0.10 10.84 -3.18
N LYS B 56 -1.38 10.83 -2.81
CA LYS B 56 -1.74 10.75 -1.40
C LYS B 56 -1.35 9.41 -0.81
N HIS B 57 -1.42 8.36 -1.63
CA HIS B 57 -1.06 7.04 -1.15
C HIS B 57 0.38 6.99 -0.64
N ALA B 58 1.20 7.97 -1.03
CA ALA B 58 2.59 7.98 -0.61
C ALA B 58 2.83 8.96 0.54
N ILE B 59 1.77 9.58 1.03
CA ILE B 59 1.91 10.54 2.14
C ILE B 59 1.61 9.85 3.47
N SER B 60 2.42 10.15 4.50
CA SER B 60 2.06 9.73 5.86
C SER B 60 1.36 10.85 6.66
N THR B 61 1.94 12.05 6.69
CA THR B 61 1.30 13.16 7.39
C THR B 61 1.36 14.47 6.59
N VAL B 62 0.33 15.29 6.75
CA VAL B 62 0.32 16.69 6.31
C VAL B 62 0.36 17.55 7.56
N VAL B 63 1.47 18.25 7.79
CA VAL B 63 1.64 19.07 9.00
C VAL B 63 1.58 20.56 8.66
N PRO B 64 0.48 21.24 9.03
CA PRO B 64 0.34 22.67 8.76
C PRO B 64 1.34 23.47 9.59
N SER B 65 1.92 24.52 9.01
CA SER B 65 2.89 25.34 9.71
C SER B 65 2.24 26.22 10.76
N ARG B 66 0.91 26.32 10.72
CA ARG B 66 0.12 26.90 11.81
C ARG B 66 -1.24 26.25 11.78
N PRO B 67 -1.93 26.21 12.94
CA PRO B 67 -3.20 25.48 13.12
C PRO B 67 -4.31 25.90 12.14
N VAL B 68 -5.00 24.93 11.55
CA VAL B 68 -6.17 25.24 10.73
C VAL B 68 -7.39 25.31 11.63
N ARG B 69 -8.29 26.23 11.33
CA ARG B 69 -9.54 26.28 12.04
C ARG B 69 -10.66 25.88 11.09
N LEU B 70 -11.34 24.78 11.40
CA LEU B 70 -12.41 24.29 10.53
C LEU B 70 -13.35 25.42 10.11
N SER C 2 -11.16 19.07 -4.84
CA SER C 2 -11.76 18.74 -6.13
C SER C 2 -12.04 17.23 -6.27
N LYS C 3 -13.15 16.88 -6.92
CA LYS C 3 -13.59 15.48 -7.00
C LYS C 3 -12.79 14.61 -7.97
N GLY C 4 -12.74 13.32 -7.67
CA GLY C 4 -12.19 12.32 -8.57
C GLY C 4 -10.78 12.58 -9.10
N HIS C 5 -10.64 12.44 -10.42
CA HIS C 5 -9.36 12.61 -11.10
C HIS C 5 -9.25 13.99 -11.73
N SER C 6 -10.05 14.93 -11.22
CA SER C 6 -10.18 16.26 -11.82
C SER C 6 -8.91 17.11 -11.81
N LEU C 7 -7.91 16.69 -11.06
CA LEU C 7 -6.62 17.40 -11.10
C LEU C 7 -5.55 16.52 -11.74
N GLN C 8 -5.49 15.26 -11.32
CA GLN C 8 -4.45 14.35 -11.79
C GLN C 8 -4.45 14.18 -13.31
N ASP C 9 -5.62 14.02 -13.91
CA ASP C 9 -5.67 13.78 -15.36
C ASP C 9 -5.24 14.99 -16.18
N PRO C 10 -5.81 16.16 -15.89
CA PRO C 10 -5.41 17.37 -16.62
C PRO C 10 -3.93 17.68 -16.43
N TYR C 11 -3.42 17.45 -15.21
CA TYR C 11 -2.02 17.80 -14.92
C TYR C 11 -1.09 16.89 -15.71
N LEU C 12 -1.36 15.59 -15.65
CA LEU C 12 -0.61 14.62 -16.42
C LEU C 12 -0.79 14.87 -17.91
N ASN C 13 -2.03 15.13 -18.32
CA ASN C 13 -2.30 15.30 -19.74
C ASN C 13 -1.62 16.54 -20.26
N THR C 14 -1.35 17.49 -19.37
CA THR C 14 -0.63 18.69 -19.77
C THR C 14 0.85 18.39 -19.92
N LEU C 15 1.44 17.77 -18.90
CA LEU C 15 2.83 17.32 -19.03
C LEU C 15 3.02 16.48 -20.29
N ARG C 16 2.04 15.67 -20.63
CA ARG C 16 2.12 14.82 -21.83
C ARG C 16 2.19 15.68 -23.08
N LYS C 17 1.11 16.40 -23.36
CA LYS C 17 1.01 17.28 -24.52
C LYS C 17 2.21 18.18 -24.73
N GLU C 18 2.73 18.73 -23.63
CA GLU C 18 3.82 19.71 -23.73
C GLU C 18 5.22 19.09 -23.81
N ARG C 19 5.31 17.77 -23.63
CA ARG C 19 6.61 17.07 -23.67
C ARG C 19 7.59 17.60 -22.63
N VAL C 20 7.07 18.13 -21.54
CA VAL C 20 7.91 18.59 -20.44
C VAL C 20 8.68 17.44 -19.81
N PRO C 21 10.03 17.56 -19.76
CA PRO C 21 10.87 16.63 -19.02
C PRO C 21 10.48 16.60 -17.53
N VAL C 22 10.23 15.42 -16.98
CA VAL C 22 9.88 15.27 -15.58
C VAL C 22 10.87 14.39 -14.80
N SER C 23 10.87 14.52 -13.49
CA SER C 23 11.51 13.53 -12.64
C SER C 23 10.38 12.83 -11.90
N ILE C 24 10.40 11.51 -11.89
CA ILE C 24 9.37 10.76 -11.17
C ILE C 24 10.02 10.06 -10.00
N TYR C 25 9.62 10.40 -8.79
CA TYR C 25 10.19 9.73 -7.63
C TYR C 25 9.27 8.60 -7.23
N LEU C 26 9.88 7.46 -6.93
CA LEU C 26 9.14 6.29 -6.50
C LEU C 26 9.13 6.24 -4.97
N VAL C 27 8.21 5.45 -4.43
CA VAL C 27 8.05 5.37 -2.98
C VAL C 27 9.32 4.91 -2.26
N ASN C 28 10.25 4.30 -3.02
CA ASN C 28 11.51 3.82 -2.46
C ASN C 28 12.68 4.81 -2.59
N GLY C 29 12.39 6.00 -3.11
CA GLY C 29 13.40 7.04 -3.23
C GLY C 29 14.13 7.02 -4.56
N ILE C 30 13.76 6.10 -5.44
CA ILE C 30 14.41 6.01 -6.75
C ILE C 30 13.82 7.04 -7.70
N LYS C 31 14.70 7.76 -8.39
CA LYS C 31 14.27 8.81 -9.33
C LYS C 31 14.35 8.35 -10.78
N LEU C 32 13.23 8.42 -11.48
CA LEU C 32 13.24 8.20 -12.94
C LEU C 32 13.08 9.54 -13.65
N GLN C 33 13.67 9.64 -14.83
CA GLN C 33 13.56 10.84 -15.65
C GLN C 33 13.14 10.49 -17.07
N GLY C 34 12.34 11.35 -17.64
CA GLY C 34 11.88 11.18 -19.00
C GLY C 34 10.70 12.07 -19.30
N GLN C 35 9.91 11.67 -20.28
CA GLN C 35 8.76 12.43 -20.70
C GLN C 35 7.57 11.51 -20.63
N ILE C 36 6.42 12.03 -20.21
CA ILE C 36 5.22 11.23 -20.06
C ILE C 36 4.64 10.96 -21.44
N GLU C 37 4.70 9.70 -21.90
CA GLU C 37 4.19 9.37 -23.23
C GLU C 37 2.69 9.20 -23.20
N SER C 38 2.20 8.53 -22.18
CA SER C 38 0.77 8.33 -22.02
C SER C 38 0.52 7.74 -20.64
N PHE C 39 -0.75 7.58 -20.29
CA PHE C 39 -1.11 7.09 -18.97
C PHE C 39 -2.56 6.64 -18.98
N ASP C 40 -2.94 5.84 -17.98
CA ASP C 40 -4.32 5.49 -17.79
C ASP C 40 -4.63 5.49 -16.31
N GLN C 41 -5.66 4.76 -15.90
CA GLN C 41 -6.08 4.80 -14.52
C GLN C 41 -4.95 4.35 -13.60
N PHE C 42 -4.12 3.41 -14.07
CA PHE C 42 -3.20 2.72 -13.16
C PHE C 42 -1.69 2.86 -13.41
N VAL C 43 -1.30 3.25 -14.63
CA VAL C 43 0.13 3.31 -14.99
C VAL C 43 0.47 4.55 -15.82
N ILE C 44 1.76 4.88 -15.81
CA ILE C 44 2.30 5.96 -16.63
C ILE C 44 3.38 5.34 -17.51
N LEU C 45 3.33 5.61 -18.82
CA LEU C 45 4.40 5.20 -19.71
C LEU C 45 5.40 6.33 -19.82
N LEU C 46 6.61 6.07 -19.33
CA LEU C 46 7.69 7.06 -19.27
C LEU C 46 8.71 6.81 -20.39
N LYS C 47 8.89 7.80 -21.24
CA LYS C 47 9.65 7.62 -22.45
C LYS C 47 11.08 8.10 -22.31
N ASN C 48 12.01 7.25 -22.72
N ASN C 48 12.01 7.25 -22.72
CA ASN C 48 13.40 7.64 -23.02
CA ASN C 48 13.43 7.60 -22.91
C ASN C 48 14.08 6.58 -23.91
C ASN C 48 14.08 6.60 -23.88
N THR C 49 15.20 6.02 -23.48
CA THR C 49 15.88 4.98 -24.30
C THR C 49 14.87 3.90 -24.75
N VAL C 50 14.21 3.30 -23.77
CA VAL C 50 13.01 2.49 -24.00
C VAL C 50 11.94 3.16 -23.14
N SER C 51 10.66 3.05 -23.52
CA SER C 51 9.61 3.48 -22.60
C SER C 51 9.49 2.46 -21.48
N GLN C 52 9.18 2.91 -20.27
CA GLN C 52 8.92 1.95 -19.21
C GLN C 52 7.56 2.22 -18.63
N MET C 53 6.90 1.18 -18.17
CA MET C 53 5.59 1.33 -17.58
C MET C 53 5.74 1.39 -16.07
N VAL C 54 5.26 2.50 -15.50
CA VAL C 54 5.40 2.73 -14.06
C VAL C 54 4.02 2.63 -13.44
N TYR C 55 3.91 1.85 -12.37
CA TYR C 55 2.65 1.77 -11.64
C TYR C 55 2.47 3.00 -10.78
N LYS C 56 1.32 3.65 -10.90
CA LYS C 56 1.08 4.87 -10.14
C LYS C 56 1.22 4.57 -8.64
N HIS C 57 0.85 3.36 -8.25
CA HIS C 57 0.92 3.01 -6.83
C HIS C 57 2.34 3.04 -6.28
N ALA C 58 3.34 3.10 -7.17
CA ALA C 58 4.72 3.05 -6.70
C ALA C 58 5.36 4.43 -6.70
N ILE C 59 4.62 5.40 -7.20
CA ILE C 59 5.09 6.76 -7.35
C ILE C 59 4.69 7.60 -6.14
N SER C 60 5.62 8.42 -5.62
CA SER C 60 5.27 9.43 -4.61
C SER C 60 5.07 10.82 -5.24
N THR C 61 6.05 11.29 -6.03
CA THR C 61 5.93 12.63 -6.64
C THR C 61 6.28 12.67 -8.13
N VAL C 62 5.60 13.56 -8.86
CA VAL C 62 5.93 13.90 -10.24
C VAL C 62 6.34 15.38 -10.29
N VAL C 63 7.62 15.61 -10.56
CA VAL C 63 8.21 16.94 -10.55
C VAL C 63 8.64 17.39 -11.96
N PRO C 64 7.90 18.34 -12.55
CA PRO C 64 8.27 18.92 -13.86
C PRO C 64 9.66 19.58 -13.83
N SER C 65 10.33 19.61 -14.99
CA SER C 65 11.62 20.26 -15.13
C SER C 65 11.48 21.79 -15.17
N ARG C 66 10.30 22.24 -15.58
CA ARG C 66 9.96 23.65 -15.60
C ARG C 66 8.50 23.84 -15.20
N PRO C 67 8.16 25.05 -14.73
CA PRO C 67 6.78 25.39 -14.35
C PRO C 67 5.83 25.11 -15.49
N VAL C 68 4.64 24.59 -15.17
CA VAL C 68 3.63 24.31 -16.18
C VAL C 68 2.28 24.91 -15.78
N ARG C 69 1.50 25.31 -16.78
CA ARG C 69 0.23 25.95 -16.50
C ARG C 69 -0.94 25.07 -16.95
N LEU C 70 -1.85 24.79 -16.05
CA LEU C 70 -3.08 24.08 -16.41
C LEU C 70 -3.92 24.92 -17.37
N SER D 6 -6.74 0.19 -20.21
CA SER D 6 -6.85 0.43 -21.65
C SER D 6 -5.48 0.74 -22.22
N LEU D 7 -4.49 0.91 -21.34
CA LEU D 7 -3.10 1.09 -21.75
C LEU D 7 -2.23 -0.04 -21.20
N GLN D 8 -2.40 -0.33 -19.91
CA GLN D 8 -1.64 -1.39 -19.25
C GLN D 8 -1.85 -2.72 -19.98
N ASP D 9 -3.11 -3.04 -20.25
CA ASP D 9 -3.43 -4.33 -20.84
C ASP D 9 -2.73 -4.55 -22.18
N PRO D 10 -2.98 -3.67 -23.16
CA PRO D 10 -2.36 -3.90 -24.46
C PRO D 10 -0.83 -3.91 -24.41
N TYR D 11 -0.22 -3.09 -23.56
CA TYR D 11 1.24 -3.09 -23.38
C TYR D 11 1.74 -4.45 -22.91
N LEU D 12 1.23 -4.89 -21.76
CA LEU D 12 1.56 -6.23 -21.24
C LEU D 12 1.32 -7.33 -22.27
N ASN D 13 0.20 -7.26 -22.98
CA ASN D 13 -0.09 -8.26 -24.02
C ASN D 13 0.98 -8.24 -25.12
N THR D 14 1.43 -7.06 -25.51
CA THR D 14 2.53 -6.93 -26.48
C THR D 14 3.83 -7.57 -25.95
N LEU D 15 4.19 -7.30 -24.71
CA LEU D 15 5.35 -7.93 -24.11
C LEU D 15 5.18 -9.44 -24.09
N ARG D 16 3.94 -9.87 -23.93
CA ARG D 16 3.64 -11.31 -23.84
C ARG D 16 3.79 -11.97 -25.21
N LYS D 17 3.04 -11.46 -26.19
CA LYS D 17 3.04 -12.04 -27.52
C LYS D 17 4.40 -12.02 -28.20
N GLU D 18 5.18 -10.95 -27.98
CA GLU D 18 6.47 -10.84 -28.65
C GLU D 18 7.58 -11.43 -27.80
N ARG D 19 7.19 -11.97 -26.64
CA ARG D 19 8.13 -12.66 -25.75
C ARG D 19 9.33 -11.80 -25.39
N VAL D 20 9.09 -10.49 -25.24
CA VAL D 20 10.21 -9.56 -25.05
C VAL D 20 10.82 -9.77 -23.69
N PRO D 21 12.16 -9.88 -23.63
CA PRO D 21 12.75 -9.99 -22.29
C PRO D 21 12.51 -8.69 -21.53
N VAL D 22 12.23 -8.79 -20.23
CA VAL D 22 11.92 -7.60 -19.43
C VAL D 22 12.61 -7.67 -18.10
N SER D 23 12.81 -6.51 -17.50
CA SER D 23 13.15 -6.42 -16.08
C SER D 23 11.91 -5.87 -15.36
N ILE D 24 11.54 -6.50 -14.26
CA ILE D 24 10.47 -5.99 -13.43
C ILE D 24 11.07 -5.54 -12.11
N TYR D 25 10.96 -4.24 -11.81
CA TYR D 25 11.44 -3.75 -10.54
C TYR D 25 10.31 -3.74 -9.52
N LEU D 26 10.55 -4.30 -8.34
CA LEU D 26 9.53 -4.32 -7.31
C LEU D 26 9.60 -3.07 -6.45
N VAL D 27 8.54 -2.81 -5.68
CA VAL D 27 8.50 -1.57 -4.92
C VAL D 27 9.62 -1.49 -3.89
N ASN D 28 10.19 -2.64 -3.51
CA ASN D 28 11.29 -2.65 -2.54
C ASN D 28 12.68 -2.59 -3.19
N GLY D 29 12.71 -2.42 -4.51
CA GLY D 29 13.96 -2.29 -5.24
C GLY D 29 14.46 -3.56 -5.91
N ILE D 30 13.89 -4.71 -5.55
CA ILE D 30 14.31 -5.99 -6.16
C ILE D 30 14.12 -5.92 -7.66
N LYS D 31 15.08 -6.46 -8.42
CA LYS D 31 14.95 -6.59 -9.86
C LYS D 31 14.80 -8.06 -10.28
N LEU D 32 13.65 -8.37 -10.87
CA LEU D 32 13.40 -9.69 -11.43
C LEU D 32 13.60 -9.62 -12.94
N GLN D 33 14.05 -10.71 -13.56
CA GLN D 33 14.14 -10.73 -15.03
C GLN D 33 13.44 -11.94 -15.63
N GLY D 34 12.92 -11.78 -16.83
CA GLY D 34 12.29 -12.89 -17.53
C GLY D 34 11.39 -12.37 -18.60
N GLN D 35 10.22 -12.96 -18.75
CA GLN D 35 9.29 -12.50 -19.77
C GLN D 35 7.88 -12.67 -19.25
N ILE D 36 6.99 -11.82 -19.75
CA ILE D 36 5.59 -11.87 -19.34
C ILE D 36 4.93 -13.08 -20.00
N GLU D 37 4.58 -14.07 -19.20
CA GLU D 37 3.97 -15.27 -19.73
C GLU D 37 2.46 -15.13 -19.82
N SER D 38 1.89 -14.37 -18.89
CA SER D 38 0.45 -14.30 -18.73
C SER D 38 0.14 -13.27 -17.63
N PHE D 39 -1.11 -12.82 -17.56
CA PHE D 39 -1.50 -11.85 -16.53
C PHE D 39 -3.02 -11.73 -16.42
N ASP D 40 -3.50 -11.28 -15.25
CA ASP D 40 -4.90 -10.90 -15.09
C ASP D 40 -4.95 -9.53 -14.42
N GLN D 41 -6.06 -9.17 -13.80
CA GLN D 41 -6.20 -7.83 -13.23
C GLN D 41 -5.21 -7.55 -12.11
N PHE D 42 -4.82 -8.58 -11.37
CA PHE D 42 -3.97 -8.38 -10.18
C PHE D 42 -2.54 -8.93 -10.27
N VAL D 43 -2.32 -9.95 -11.08
CA VAL D 43 -1.01 -10.57 -11.09
C VAL D 43 -0.41 -10.72 -12.49
N ILE D 44 0.89 -10.97 -12.51
CA ILE D 44 1.63 -11.25 -13.73
C ILE D 44 2.37 -12.57 -13.54
N LEU D 45 2.24 -13.48 -14.51
CA LEU D 45 3.04 -14.69 -14.48
C LEU D 45 4.34 -14.40 -15.21
N LEU D 46 5.44 -14.32 -14.46
CA LEU D 46 6.74 -14.07 -15.04
C LEU D 46 7.48 -15.39 -15.22
N LYS D 47 7.87 -15.68 -16.45
CA LYS D 47 8.56 -16.93 -16.75
C LYS D 47 10.07 -16.74 -16.75
N ASN D 48 10.73 -17.69 -16.10
CA ASN D 48 12.11 -18.02 -16.41
C ASN D 48 12.60 -19.42 -15.95
N THR D 49 13.29 -19.49 -14.82
CA THR D 49 13.65 -20.79 -14.24
C THR D 49 12.36 -21.59 -14.03
N VAL D 50 11.48 -21.04 -13.22
CA VAL D 50 10.08 -21.45 -13.22
C VAL D 50 9.25 -20.20 -13.54
N SER D 51 7.94 -20.40 -13.66
CA SER D 51 7.02 -19.29 -13.86
C SER D 51 6.40 -18.91 -12.52
N GLN D 52 6.78 -17.75 -12.00
CA GLN D 52 6.32 -17.30 -10.70
C GLN D 52 5.19 -16.28 -10.84
N MET D 53 4.41 -16.15 -9.78
CA MET D 53 3.32 -15.20 -9.76
C MET D 53 3.72 -13.92 -9.03
N VAL D 54 3.77 -12.81 -9.76
CA VAL D 54 4.09 -11.51 -9.19
C VAL D 54 2.82 -10.67 -9.01
N TYR D 55 2.51 -10.30 -7.76
CA TYR D 55 1.39 -9.40 -7.54
C TYR D 55 1.69 -8.03 -8.13
N LYS D 56 0.74 -7.47 -8.87
CA LYS D 56 0.93 -6.14 -9.43
C LYS D 56 1.23 -5.10 -8.36
N HIS D 57 0.68 -5.25 -7.14
CA HIS D 57 0.87 -4.20 -6.15
C HIS D 57 2.31 -4.09 -5.66
N ALA D 58 3.10 -5.13 -5.87
CA ALA D 58 4.48 -5.13 -5.42
C ALA D 58 5.42 -4.59 -6.48
N ILE D 59 4.87 -4.20 -7.63
CA ILE D 59 5.73 -3.85 -8.76
C ILE D 59 5.83 -2.34 -8.87
N SER D 60 7.03 -1.81 -9.14
CA SER D 60 7.11 -0.37 -9.46
C SER D 60 7.14 -0.10 -10.96
N THR D 61 7.98 -0.82 -11.71
CA THR D 61 8.10 -0.60 -13.16
C THR D 61 8.26 -1.90 -13.94
N VAL D 62 7.80 -1.88 -15.19
CA VAL D 62 8.15 -2.90 -16.18
C VAL D 62 9.00 -2.24 -17.27
N VAL D 63 10.18 -2.81 -17.51
CA VAL D 63 11.17 -2.21 -18.41
C VAL D 63 11.64 -3.20 -19.46
N PRO D 64 11.21 -3.03 -20.72
CA PRO D 64 11.63 -3.94 -21.80
C PRO D 64 13.10 -3.75 -22.14
N SER D 65 13.75 -4.82 -22.61
CA SER D 65 15.16 -4.77 -23.03
C SER D 65 15.38 -4.08 -24.38
N ARG D 66 14.29 -3.82 -25.10
CA ARG D 66 14.35 -3.17 -26.39
C ARG D 66 13.06 -2.38 -26.57
N PRO D 67 13.10 -1.30 -27.37
CA PRO D 67 11.90 -0.51 -27.59
C PRO D 67 10.82 -1.41 -28.18
N VAL D 68 9.56 -1.19 -27.81
CA VAL D 68 8.47 -2.05 -28.25
C VAL D 68 7.28 -1.22 -28.71
N ARG D 69 6.40 -1.81 -29.51
CA ARG D 69 5.19 -1.13 -29.96
C ARG D 69 4.36 -0.63 -28.76
N LEU D 70 4.08 0.67 -28.72
CA LEU D 70 3.26 1.22 -27.63
C LEU D 70 1.79 1.31 -28.03
N PRO D 71 0.89 1.04 -27.07
CA PRO D 71 -0.54 1.02 -27.35
C PRO D 71 -1.09 2.31 -27.94
N SER D 72 -1.67 2.20 -29.14
CA SER D 72 -2.50 3.27 -29.67
C SER D 72 -3.98 2.94 -29.43
N GLY E 4 -8.98 -10.81 -12.47
CA GLY E 4 -7.75 -10.61 -11.71
C GLY E 4 -7.48 -11.83 -10.87
N HIS E 5 -8.49 -12.70 -10.88
CA HIS E 5 -8.40 -14.00 -10.26
C HIS E 5 -8.61 -15.08 -11.35
N SER E 6 -8.51 -14.68 -12.63
CA SER E 6 -8.66 -15.62 -13.75
C SER E 6 -7.35 -16.37 -14.04
N LEU E 7 -6.25 -15.83 -13.53
CA LEU E 7 -4.95 -16.53 -13.57
C LEU E 7 -4.53 -16.85 -12.15
N GLN E 8 -4.73 -15.89 -11.24
CA GLN E 8 -4.40 -16.07 -9.83
C GLN E 8 -5.08 -17.28 -9.20
N ASP E 9 -6.38 -17.39 -9.34
CA ASP E 9 -7.10 -18.47 -8.66
C ASP E 9 -6.68 -19.86 -9.16
N PRO E 10 -6.78 -20.11 -10.47
CA PRO E 10 -6.36 -21.47 -10.86
C PRO E 10 -4.91 -21.75 -10.49
N TYR E 11 -4.04 -20.76 -10.63
CA TYR E 11 -2.64 -20.90 -10.22
C TYR E 11 -2.51 -21.31 -8.75
N LEU E 12 -3.14 -20.55 -7.84
CA LEU E 12 -3.08 -20.86 -6.41
C LEU E 12 -3.74 -22.20 -6.11
N ASN E 13 -4.86 -22.49 -6.77
CA ASN E 13 -5.60 -23.73 -6.52
C ASN E 13 -4.80 -24.94 -6.95
N THR E 14 -4.12 -24.81 -8.08
CA THR E 14 -3.22 -25.87 -8.53
C THR E 14 -2.11 -26.11 -7.52
N LEU E 15 -1.41 -25.06 -7.12
CA LEU E 15 -0.44 -25.20 -6.03
C LEU E 15 -1.08 -25.86 -4.78
N ARG E 16 -2.34 -25.53 -4.50
CA ARG E 16 -3.02 -26.06 -3.31
C ARG E 16 -3.35 -27.56 -3.46
N LYS E 17 -3.99 -27.94 -4.57
CA LYS E 17 -4.40 -29.32 -4.80
C LYS E 17 -3.21 -30.29 -4.89
N GLU E 18 -2.12 -29.86 -5.52
CA GLU E 18 -0.98 -30.74 -5.73
C GLU E 18 0.02 -30.62 -4.60
N ARG E 19 -0.28 -29.76 -3.64
CA ARG E 19 0.57 -29.56 -2.47
C ARG E 19 2.00 -29.22 -2.87
N VAL E 20 2.17 -28.38 -3.88
CA VAL E 20 3.51 -28.04 -4.32
C VAL E 20 4.26 -27.20 -3.30
N PRO E 21 5.49 -27.59 -2.98
CA PRO E 21 6.24 -26.71 -2.06
C PRO E 21 6.47 -25.38 -2.77
N VAL E 22 6.32 -24.28 -2.04
CA VAL E 22 6.44 -22.94 -2.61
C VAL E 22 7.23 -22.04 -1.67
N SER E 23 7.78 -20.96 -2.22
CA SER E 23 8.28 -19.87 -1.38
C SER E 23 7.40 -18.65 -1.63
N ILE E 24 6.97 -18.00 -0.55
CA ILE E 24 6.30 -16.70 -0.68
C ILE E 24 7.26 -15.63 -0.18
N TYR E 25 7.56 -14.65 -1.02
CA TYR E 25 8.41 -13.53 -0.61
C TYR E 25 7.53 -12.35 -0.27
N LEU E 26 7.85 -11.67 0.83
CA LEU E 26 7.04 -10.57 1.33
C LEU E 26 7.65 -9.25 0.88
N VAL E 27 6.89 -8.15 0.96
CA VAL E 27 7.40 -6.89 0.43
C VAL E 27 8.64 -6.45 1.22
N ASN E 28 8.76 -6.93 2.44
N ASN E 28 8.73 -6.93 2.46
CA ASN E 28 9.92 -6.63 3.28
CA ASN E 28 9.89 -6.69 3.32
C ASN E 28 11.07 -7.63 3.08
C ASN E 28 11.10 -7.54 2.93
N GLY E 29 10.85 -8.62 2.21
CA GLY E 29 11.92 -9.52 1.82
C GLY E 29 11.94 -10.84 2.60
N ILE E 30 11.20 -10.88 3.70
CA ILE E 30 11.05 -12.13 4.43
C ILE E 30 10.55 -13.19 3.45
N LYS E 31 11.22 -14.33 3.44
CA LYS E 31 10.81 -15.44 2.57
C LYS E 31 10.16 -16.55 3.40
N LEU E 32 8.90 -16.85 3.09
CA LEU E 32 8.20 -17.92 3.78
C LEU E 32 8.19 -19.15 2.90
N GLN E 33 8.33 -20.32 3.50
CA GLN E 33 8.35 -21.57 2.74
C GLN E 33 7.33 -22.55 3.30
N GLY E 34 6.77 -23.39 2.45
CA GLY E 34 5.74 -24.30 2.89
C GLY E 34 4.82 -24.63 1.75
N GLN E 35 3.53 -24.63 2.02
CA GLN E 35 2.54 -24.98 1.02
C GLN E 35 1.26 -24.23 1.25
N ILE E 36 0.53 -24.00 0.16
CA ILE E 36 -0.72 -23.28 0.23
C ILE E 36 -1.80 -24.23 0.72
N GLU E 37 -2.24 -24.03 1.96
CA GLU E 37 -3.31 -24.87 2.50
C GLU E 37 -4.65 -24.38 1.98
N SER E 38 -4.76 -23.07 1.83
CA SER E 38 -6.02 -22.45 1.50
C SER E 38 -5.81 -20.97 1.24
N PHE E 39 -6.80 -20.35 0.58
CA PHE E 39 -6.69 -18.94 0.28
C PHE E 39 -8.09 -18.38 0.04
N ASP E 40 -8.25 -17.08 0.30
CA ASP E 40 -9.43 -16.38 -0.20
C ASP E 40 -9.02 -15.12 -0.98
N GLN E 41 -9.97 -14.22 -1.15
CA GLN E 41 -9.74 -13.00 -1.91
C GLN E 41 -8.59 -12.17 -1.35
N PHE E 42 -8.38 -12.21 -0.04
CA PHE E 42 -7.41 -11.32 0.59
C PHE E 42 -6.20 -11.96 1.29
N VAL E 43 -6.32 -13.22 1.69
CA VAL E 43 -5.20 -13.86 2.37
C VAL E 43 -4.94 -15.25 1.84
N ILE E 44 -3.76 -15.75 2.17
CA ILE E 44 -3.31 -17.07 1.83
C ILE E 44 -2.92 -17.76 3.14
N LEU E 45 -3.33 -19.01 3.31
CA LEU E 45 -2.95 -19.76 4.49
C LEU E 45 -1.81 -20.70 4.17
N LEU E 46 -0.64 -20.42 4.73
CA LEU E 46 0.57 -21.15 4.37
C LEU E 46 1.00 -22.12 5.46
N LYS E 47 1.09 -23.41 5.12
CA LYS E 47 1.46 -24.42 6.13
C LYS E 47 2.95 -24.72 6.23
N ASN E 48 3.36 -24.95 7.48
CA ASN E 48 4.63 -25.60 7.84
C ASN E 48 4.60 -26.09 9.32
N THR E 49 5.37 -25.47 10.20
CA THR E 49 5.26 -25.77 11.64
C THR E 49 3.81 -25.58 12.09
N VAL E 50 3.35 -24.33 12.00
CA VAL E 50 1.93 -24.01 12.08
C VAL E 50 1.50 -23.52 10.71
N SER E 51 0.21 -23.23 10.55
CA SER E 51 -0.32 -22.63 9.35
C SER E 51 -0.51 -21.15 9.63
N GLN E 52 0.26 -20.31 8.96
CA GLN E 52 0.15 -18.89 9.22
C GLN E 52 -0.68 -18.22 8.15
N MET E 53 -1.36 -17.15 8.54
CA MET E 53 -2.21 -16.41 7.60
C MET E 53 -1.44 -15.22 7.02
N VAL E 54 -1.29 -15.21 5.69
CA VAL E 54 -0.51 -14.18 5.01
C VAL E 54 -1.43 -13.21 4.26
N TYR E 55 -1.28 -11.92 4.54
CA TYR E 55 -2.07 -10.95 3.78
C TYR E 55 -1.49 -10.80 2.38
N LYS E 56 -2.31 -10.97 1.35
CA LYS E 56 -1.87 -10.83 -0.04
C LYS E 56 -1.26 -9.46 -0.32
N HIS E 57 -1.78 -8.43 0.32
CA HIS E 57 -1.23 -7.09 0.09
C HIS E 57 0.23 -7.00 0.49
N ALA E 58 0.67 -7.95 1.30
CA ALA E 58 2.04 -7.94 1.82
C ALA E 58 2.95 -8.82 0.95
N ILE E 59 2.38 -9.51 -0.02
CA ILE E 59 3.17 -10.44 -0.81
C ILE E 59 3.69 -9.75 -2.05
N SER E 60 4.94 -10.03 -2.41
CA SER E 60 5.45 -9.62 -3.72
C SER E 60 5.30 -10.73 -4.74
N THR E 61 5.79 -11.92 -4.41
CA THR E 61 5.75 -13.04 -5.37
C THR E 61 5.49 -14.41 -4.75
N VAL E 62 4.94 -15.33 -5.55
CA VAL E 62 4.85 -16.74 -5.18
C VAL E 62 5.68 -17.57 -6.16
N VAL E 63 6.66 -18.32 -5.63
CA VAL E 63 7.67 -19.04 -6.41
C VAL E 63 7.63 -20.54 -6.07
N PRO E 64 6.99 -21.36 -6.92
CA PRO E 64 6.95 -22.82 -6.70
C PRO E 64 8.34 -23.43 -6.82
N SER E 65 8.67 -24.42 -5.99
CA SER E 65 9.99 -25.08 -6.02
C SER E 65 10.22 -25.83 -7.32
N ARG E 66 9.12 -26.15 -8.01
CA ARG E 66 9.20 -26.82 -9.30
C ARG E 66 8.09 -26.23 -10.16
N PRO E 67 8.28 -26.35 -11.46
CA PRO E 67 7.39 -25.83 -12.46
C PRO E 67 6.00 -26.33 -12.35
N VAL E 68 5.03 -25.59 -12.86
CA VAL E 68 3.70 -26.11 -12.74
C VAL E 68 2.78 -25.94 -13.90
N ARG E 69 1.99 -26.95 -14.16
CA ARG E 69 1.12 -26.99 -15.28
C ARG E 69 -0.01 -26.07 -14.93
N LEU E 70 -1.11 -26.15 -15.64
CA LEU E 70 -2.20 -25.23 -15.44
C LEU E 70 -3.40 -25.67 -16.24
N SER F 6 -13.88 -15.24 3.79
CA SER F 6 -14.28 -16.65 3.81
C SER F 6 -13.23 -17.53 4.52
N LEU F 7 -11.96 -17.21 4.32
CA LEU F 7 -10.89 -17.87 5.07
C LEU F 7 -10.42 -16.99 6.24
N GLN F 8 -10.25 -15.70 5.96
CA GLN F 8 -9.73 -14.73 6.93
C GLN F 8 -10.56 -14.66 8.22
N ASP F 9 -11.87 -14.52 8.06
CA ASP F 9 -12.74 -14.31 9.21
C ASP F 9 -12.81 -15.53 10.14
N PRO F 10 -13.33 -16.68 9.65
CA PRO F 10 -13.29 -17.86 10.51
C PRO F 10 -11.90 -18.16 11.06
N TYR F 11 -10.86 -17.83 10.32
CA TYR F 11 -9.51 -18.06 10.84
C TYR F 11 -9.22 -17.15 12.02
N LEU F 12 -9.35 -15.84 11.84
CA LEU F 12 -9.12 -14.91 12.94
C LEU F 12 -10.08 -15.19 14.11
N ASN F 13 -11.33 -15.46 13.78
CA ASN F 13 -12.34 -15.88 14.74
C ASN F 13 -11.83 -16.98 15.69
N THR F 14 -11.25 -18.03 15.11
CA THR F 14 -10.74 -19.16 15.87
C THR F 14 -9.63 -18.75 16.82
N LEU F 15 -8.67 -17.99 16.32
CA LEU F 15 -7.57 -17.51 17.16
C LEU F 15 -8.11 -16.69 18.32
N ARG F 16 -9.10 -15.85 18.04
CA ARG F 16 -9.74 -15.05 19.08
C ARG F 16 -10.43 -15.96 20.09
N LYS F 17 -11.38 -16.76 19.62
CA LYS F 17 -12.13 -17.70 20.46
C LYS F 17 -11.26 -18.56 21.38
N GLU F 18 -10.26 -19.22 20.82
CA GLU F 18 -9.42 -20.13 21.59
C GLU F 18 -8.33 -19.38 22.36
N ARG F 19 -8.27 -18.07 22.17
CA ARG F 19 -7.31 -17.21 22.87
C ARG F 19 -5.87 -17.67 22.73
N VAL F 20 -5.53 -18.16 21.54
CA VAL F 20 -4.18 -18.64 21.25
C VAL F 20 -3.23 -17.47 21.05
N PRO F 21 -2.12 -17.44 21.81
CA PRO F 21 -1.15 -16.35 21.62
C PRO F 21 -0.57 -16.35 20.18
N VAL F 22 -0.58 -15.18 19.55
CA VAL F 22 -0.09 -15.03 18.18
C VAL F 22 1.07 -14.06 18.09
N SER F 23 1.90 -14.23 17.07
CA SER F 23 2.84 -13.19 16.65
C SER F 23 2.28 -12.51 15.40
N ILE F 24 2.14 -11.19 15.45
CA ILE F 24 1.75 -10.42 14.27
C ILE F 24 3.00 -9.72 13.71
N TYR F 25 3.40 -10.07 12.49
CA TYR F 25 4.52 -9.41 11.84
C TYR F 25 4.03 -8.26 10.96
N LEU F 26 4.71 -7.12 11.03
CA LEU F 26 4.24 -5.94 10.33
C LEU F 26 5.00 -5.79 9.02
N VAL F 27 4.47 -4.98 8.10
CA VAL F 27 5.08 -4.87 6.78
C VAL F 27 6.54 -4.39 6.83
N ASN F 28 6.92 -3.73 7.93
CA ASN F 28 8.31 -3.30 8.10
C ASN F 28 9.19 -4.29 8.86
N GLY F 29 8.62 -5.42 9.25
CA GLY F 29 9.41 -6.46 9.91
C GLY F 29 9.21 -6.55 11.41
N ILE F 30 8.66 -5.49 12.00
CA ILE F 30 8.43 -5.47 13.44
C ILE F 30 7.49 -6.60 13.87
N LYS F 31 7.83 -7.27 14.97
CA LYS F 31 6.99 -8.35 15.47
C LYS F 31 6.23 -7.91 16.73
N LEU F 32 4.90 -8.02 16.69
CA LEU F 32 4.05 -7.72 17.83
C LEU F 32 3.54 -9.04 18.39
N GLN F 33 3.41 -9.15 19.71
CA GLN F 33 2.94 -10.40 20.34
C GLN F 33 1.78 -10.21 21.32
N GLY F 34 0.83 -11.14 21.29
CA GLY F 34 -0.28 -11.11 22.22
C GLY F 34 -1.45 -11.94 21.76
N GLN F 35 -2.63 -11.62 22.31
CA GLN F 35 -3.85 -12.33 21.99
C GLN F 35 -4.82 -11.40 21.27
N ILE F 36 -5.57 -11.96 20.34
CA ILE F 36 -6.51 -11.20 19.54
C ILE F 36 -7.82 -11.06 20.30
N GLU F 37 -8.11 -9.84 20.76
CA GLU F 37 -9.35 -9.56 21.48
C GLU F 37 -10.52 -9.49 20.51
N SER F 38 -10.35 -8.72 19.45
CA SER F 38 -11.35 -8.63 18.40
C SER F 38 -10.74 -8.12 17.10
N PHE F 39 -11.59 -7.94 16.10
CA PHE F 39 -11.15 -7.49 14.80
C PHE F 39 -12.42 -7.13 14.03
N ASP F 40 -12.29 -6.21 13.08
CA ASP F 40 -13.36 -5.94 12.14
C ASP F 40 -12.76 -6.01 10.74
N GLN F 41 -13.47 -5.42 9.78
CA GLN F 41 -13.04 -5.45 8.38
C GLN F 41 -11.66 -4.84 8.15
N PHE F 42 -11.23 -3.95 9.03
CA PHE F 42 -10.01 -3.20 8.74
C PHE F 42 -8.93 -3.22 9.80
N VAL F 43 -9.29 -3.52 11.04
CA VAL F 43 -8.30 -3.53 12.11
C VAL F 43 -8.42 -4.78 12.98
N ILE F 44 -7.38 -5.02 13.75
CA ILE F 44 -7.35 -6.12 14.69
C ILE F 44 -6.91 -5.55 16.03
N LEU F 45 -7.63 -5.91 17.10
CA LEU F 45 -7.22 -5.47 18.43
C LEU F 45 -6.41 -6.53 19.13
N LEU F 46 -5.17 -6.17 19.49
CA LEU F 46 -4.21 -7.12 20.03
C LEU F 46 -3.91 -6.79 21.49
N LYS F 47 -3.87 -7.81 22.34
CA LYS F 47 -3.88 -7.61 23.78
C LYS F 47 -2.59 -7.96 24.54
N ASN F 48 -2.07 -6.99 25.28
N ASN F 48 -2.08 -6.99 25.28
CA ASN F 48 -1.09 -7.23 26.34
CA ASN F 48 -1.03 -7.17 26.28
C ASN F 48 -1.29 -6.21 27.47
C ASN F 48 -1.28 -6.20 27.44
N THR F 49 -0.24 -5.46 27.84
CA THR F 49 -0.40 -4.38 28.82
C THR F 49 -1.62 -3.51 28.50
N VAL F 50 -1.59 -2.83 27.36
CA VAL F 50 -2.80 -2.21 26.84
C VAL F 50 -3.17 -2.91 25.55
N SER F 51 -4.45 -2.87 25.19
CA SER F 51 -4.90 -3.42 23.92
C SER F 51 -4.63 -2.40 22.81
N GLN F 52 -3.85 -2.77 21.81
CA GLN F 52 -3.53 -1.83 20.74
C GLN F 52 -4.26 -2.15 19.44
N MET F 53 -4.57 -1.12 18.67
CA MET F 53 -5.25 -1.31 17.39
C MET F 53 -4.23 -1.37 16.25
N VAL F 54 -4.29 -2.45 15.46
CA VAL F 54 -3.36 -2.70 14.38
C VAL F 54 -4.11 -2.68 13.05
N TYR F 55 -3.69 -1.81 12.14
CA TYR F 55 -4.27 -1.82 10.82
C TYR F 55 -3.83 -3.05 10.06
N LYS F 56 -4.80 -3.77 9.48
CA LYS F 56 -4.51 -4.95 8.67
C LYS F 56 -3.64 -4.65 7.46
N HIS F 57 -3.81 -3.46 6.87
CA HIS F 57 -2.99 -3.05 5.74
C HIS F 57 -1.51 -2.97 6.14
N ALA F 58 -1.23 -2.92 7.43
CA ALA F 58 0.15 -2.89 7.91
C ALA F 58 0.66 -4.25 8.36
N ILE F 59 -0.18 -5.28 8.22
CA ILE F 59 0.19 -6.60 8.68
C ILE F 59 0.67 -7.40 7.47
N SER F 60 1.74 -8.17 7.64
CA SER F 60 2.11 -9.12 6.60
C SER F 60 1.63 -10.51 6.95
N THR F 61 1.85 -10.94 8.19
CA THR F 61 1.46 -12.29 8.58
C THR F 61 1.07 -12.46 10.04
N VAL F 62 0.04 -13.27 10.26
CA VAL F 62 -0.40 -13.62 11.61
C VAL F 62 0.04 -15.06 11.90
N VAL F 63 0.99 -15.22 12.82
CA VAL F 63 1.51 -16.56 13.13
C VAL F 63 1.10 -17.04 14.53
N PRO F 64 0.20 -18.04 14.59
CA PRO F 64 -0.16 -18.61 15.90
C PRO F 64 1.02 -19.36 16.54
N SER F 65 1.13 -19.30 17.86
CA SER F 65 2.28 -19.90 18.54
C SER F 65 2.05 -21.39 18.77
N ARG F 66 0.86 -21.87 18.43
CA ARG F 66 0.60 -23.30 18.36
C ARG F 66 -0.46 -23.54 17.30
N PRO F 67 -0.45 -24.73 16.68
CA PRO F 67 -1.37 -25.07 15.58
C PRO F 67 -2.85 -25.05 15.99
N VAL F 68 -3.72 -24.67 15.06
CA VAL F 68 -5.16 -24.67 15.29
C VAL F 68 -5.86 -25.25 14.08
N ARG F 69 -7.18 -25.35 14.14
CA ARG F 69 -7.95 -25.95 13.06
CA ARG F 69 -7.95 -25.96 13.07
C ARG F 69 -8.76 -24.93 12.27
N LEU F 70 -9.71 -25.42 11.50
CA LEU F 70 -10.58 -24.55 10.71
C LEU F 70 -12.05 -24.91 10.92
#